data_7NEA
#
_entry.id   7NEA
#
_cell.length_a   146.497
_cell.length_b   146.497
_cell.length_c   143.776
_cell.angle_alpha   90.000
_cell.angle_beta   90.000
_cell.angle_gamma   120.000
#
_symmetry.space_group_name_H-M   'H 3 2'
#
loop_
_entity.id
_entity.type
_entity.pdbx_description
1 polymer 'Branched-chain-amino-acid aminotransferase'
2 non-polymer "PYRIDOXAL-5'-PHOSPHATE"
3 non-polymer 'CHLORIDE ION'
4 non-polymer GLYCEROL
5 non-polymer 'SODIUM ION'
6 water water
#
_entity_poly.entity_id   1
_entity_poly.type   'polypeptide(L)'
_entity_poly.pdbx_seq_one_letter_code
;MSQQENPKYLWWNHRIIPWEEATVHLTDYWWASVTAVFEVISGYWNNAEGEMYIFRLEDHARRLEQSMQLIRMPKEFTVD
EICQATIDLVRANDYRGDVFIMPLAYAVGNKAFSVVGDRTTEMFIYSRPAVSRLEEDFSLHACYSSWTRINERVLPPRIK
ALANYRNSQLASSEAAMNGYDTALFLNPEGKVAEGTGSCVFFVRKGKLITPDITSGILESITRDTVIHLAREVLGLEVEE
RVVDRTETYLADEAFLCGTHAEITPIASIDRHEMKHGAPGPITRQLRDIYREVVYGRDFRYRNWLTPVGMGVRAEQ
;
_entity_poly.pdbx_strand_id   A
#
loop_
_chem_comp.id
_chem_comp.type
_chem_comp.name
_chem_comp.formula
CL non-polymer 'CHLORIDE ION' 'Cl -1'
GOL non-polymer GLYCEROL 'C3 H8 O3'
NA non-polymer 'SODIUM ION' 'Na 1'
PLP non-polymer PYRIDOXAL-5'-PHOSPHATE 'C8 H10 N O6 P'
#
# COMPACT_ATOMS: atom_id res chain seq x y z
N GLU A 5 10.50 -14.57 16.77
CA GLU A 5 10.79 -13.14 17.19
C GLU A 5 11.21 -12.33 15.96
N ASN A 6 12.49 -12.08 15.78
CA ASN A 6 12.94 -11.30 14.62
C ASN A 6 13.10 -12.24 13.44
N PRO A 7 12.94 -11.75 12.21
CA PRO A 7 13.38 -12.51 11.05
C PRO A 7 14.86 -12.90 11.16
N LYS A 8 15.28 -13.93 10.41
CA LYS A 8 16.70 -14.33 10.38
C LYS A 8 17.56 -13.24 9.80
N TYR A 9 17.14 -12.61 8.73
CA TYR A 9 18.02 -11.73 7.93
C TYR A 9 17.27 -10.44 7.58
N LEU A 10 18.04 -9.50 7.04
CA LEU A 10 17.49 -8.40 6.25
C LEU A 10 18.52 -8.04 5.21
N TRP A 11 18.10 -7.23 4.25
CA TRP A 11 18.97 -6.70 3.17
C TRP A 11 19.26 -5.25 3.47
N TRP A 12 20.50 -4.86 3.26
CA TRP A 12 20.95 -3.51 3.54
C TRP A 12 22.07 -3.18 2.58
N ASN A 13 21.83 -2.13 1.82
CA ASN A 13 22.91 -1.55 0.96
C ASN A 13 23.62 -2.65 0.20
N HIS A 14 22.87 -3.45 -0.54
CA HIS A 14 23.37 -4.42 -1.54
C HIS A 14 23.72 -5.77 -0.90
N ARG A 15 23.46 -6.03 0.37
CA ARG A 15 23.93 -7.26 1.04
C ARG A 15 22.84 -7.80 1.94
N ILE A 16 22.79 -9.12 2.05
CA ILE A 16 21.95 -9.77 3.11
C ILE A 16 22.84 -10.02 4.33
N ILE A 17 22.36 -9.63 5.50
CA ILE A 17 23.09 -9.84 6.79
C ILE A 17 22.14 -10.40 7.82
N PRO A 18 22.65 -11.10 8.84
CA PRO A 18 21.85 -11.52 9.96
C PRO A 18 21.25 -10.30 10.68
N TRP A 19 20.02 -10.46 11.09
CA TRP A 19 19.23 -9.37 11.68
C TRP A 19 20.05 -8.61 12.72
N GLU A 20 20.65 -9.33 13.66
CA GLU A 20 21.28 -8.76 14.87
C GLU A 20 22.55 -8.05 14.43
N GLU A 21 22.97 -8.13 13.17
CA GLU A 21 24.13 -7.33 12.74
C GLU A 21 23.73 -5.93 12.28
N ALA A 22 22.45 -5.65 12.06
CA ALA A 22 22.08 -4.35 11.47
C ALA A 22 21.88 -3.33 12.62
N THR A 23 22.87 -3.09 13.45
CA THR A 23 22.78 -2.15 14.59
C THR A 23 23.35 -0.79 14.19
N VAL A 24 22.68 0.29 14.63
CA VAL A 24 23.08 1.67 14.25
C VAL A 24 23.03 2.52 15.52
N HIS A 25 23.54 3.73 15.44
CA HIS A 25 23.48 4.68 16.57
C HIS A 25 22.06 5.22 16.62
N LEU A 26 21.55 5.49 17.83
CA LEU A 26 20.27 6.21 18.04
C LEU A 26 20.20 7.48 17.20
N THR A 27 21.28 8.22 17.04
CA THR A 27 21.26 9.55 16.38
C THR A 27 21.39 9.42 14.86
N ASP A 28 21.59 8.24 14.33
CA ASP A 28 21.84 8.06 12.88
C ASP A 28 20.41 8.19 12.21
C ASP A 28 20.85 8.65 11.89
N TYR A 29 20.28 8.98 11.14
N TYR A 29 19.60 8.30 11.86
CA TYR A 29 19.25 8.89 10.07
CA TYR A 29 18.92 8.37 10.55
C TYR A 29 17.96 9.68 10.36
C TYR A 29 17.71 9.28 10.65
N TRP A 30 17.77 10.27 11.56
CA TRP A 30 16.58 11.12 11.82
C TRP A 30 16.43 12.17 10.71
N TRP A 31 17.47 12.89 10.31
CA TRP A 31 17.38 13.86 9.19
C TRP A 31 17.13 13.07 7.91
N ALA A 32 17.74 11.90 7.72
CA ALA A 32 17.53 11.09 6.48
C ALA A 32 16.07 10.67 6.36
N SER A 33 15.37 10.48 7.47
CA SER A 33 13.98 10.03 7.43
C SER A 33 13.09 11.06 6.73
N VAL A 34 13.41 12.34 6.75
CA VAL A 34 12.62 13.38 6.03
C VAL A 34 12.56 13.02 4.52
N THR A 35 13.61 12.38 3.97
CA THR A 35 13.77 12.03 2.53
C THR A 35 13.11 10.71 2.23
N ALA A 36 12.79 9.91 3.25
CA ALA A 36 12.65 8.44 3.06
C ALA A 36 11.38 8.14 2.26
N VAL A 37 11.46 7.15 1.39
CA VAL A 37 10.33 6.61 0.64
C VAL A 37 10.32 5.09 0.80
N PHE A 38 9.18 4.44 0.61
CA PHE A 38 9.07 3.02 0.95
C PHE A 38 8.06 2.38 0.01
N GLU A 39 7.98 1.05 0.04
CA GLU A 39 6.95 0.23 -0.57
C GLU A 39 6.51 -0.74 0.51
N VAL A 40 5.30 -1.24 0.36
CA VAL A 40 4.82 -2.42 1.12
C VAL A 40 4.43 -3.45 0.05
N ILE A 41 5.04 -4.60 0.11
CA ILE A 41 4.87 -5.67 -0.92
C ILE A 41 4.40 -6.89 -0.15
N SER A 42 3.43 -7.59 -0.72
CA SER A 42 2.83 -8.78 -0.09
C SER A 42 3.44 -10.04 -0.68
N GLY A 43 3.71 -10.99 0.20
CA GLY A 43 3.96 -12.39 -0.14
C GLY A 43 2.86 -13.24 0.43
N TYR A 44 2.31 -14.08 -0.39
CA TYR A 44 1.22 -15.00 0.01
C TYR A 44 1.75 -16.42 -0.22
N TRP A 45 1.61 -17.21 0.83
CA TRP A 45 2.13 -18.57 0.99
C TRP A 45 1.05 -19.56 0.52
N ASN A 46 1.38 -20.40 -0.46
CA ASN A 46 0.49 -21.46 -0.96
C ASN A 46 1.13 -22.79 -0.51
N ASN A 47 0.64 -23.34 0.58
CA ASN A 47 1.20 -24.55 1.21
C ASN A 47 1.02 -25.75 0.30
N ALA A 48 0.00 -25.77 -0.56
CA ALA A 48 -0.25 -26.89 -1.47
C ALA A 48 0.87 -26.87 -2.51
N GLU A 49 1.47 -25.72 -2.83
CA GLU A 49 2.50 -25.71 -3.90
C GLU A 49 3.87 -25.63 -3.25
N GLY A 50 3.99 -25.28 -1.95
CA GLY A 50 5.29 -24.96 -1.32
C GLY A 50 5.93 -23.69 -1.93
N GLU A 51 5.13 -22.71 -2.31
CA GLU A 51 5.64 -21.49 -2.99
C GLU A 51 5.05 -20.26 -2.31
N MET A 52 5.90 -19.25 -2.16
CA MET A 52 5.46 -17.92 -1.81
C MET A 52 5.15 -17.22 -3.13
N TYR A 53 4.05 -16.50 -3.23
CA TYR A 53 3.76 -15.63 -4.40
C TYR A 53 3.92 -14.17 -3.96
N ILE A 54 4.89 -13.46 -4.54
CA ILE A 54 5.12 -12.02 -4.29
C ILE A 54 4.34 -11.24 -5.33
N PHE A 55 3.46 -10.36 -4.86
CA PHE A 55 2.44 -9.76 -5.75
C PHE A 55 2.96 -8.48 -6.38
N ARG A 56 2.94 -8.45 -7.71
CA ARG A 56 3.30 -7.28 -8.56
C ARG A 56 4.62 -6.69 -8.09
N LEU A 57 5.62 -7.58 -7.89
CA LEU A 57 6.94 -7.19 -7.37
C LEU A 57 7.57 -6.08 -8.25
N GLU A 58 7.64 -6.27 -9.56
CA GLU A 58 8.31 -5.29 -10.44
C GLU A 58 7.57 -3.95 -10.44
N ASP A 59 6.24 -3.94 -10.36
CA ASP A 59 5.45 -2.69 -10.32
C ASP A 59 5.83 -1.94 -9.04
N HIS A 60 5.92 -2.64 -7.92
CA HIS A 60 6.33 -2.00 -6.64
C HIS A 60 7.76 -1.48 -6.73
N ALA A 61 8.69 -2.26 -7.24
CA ALA A 61 10.09 -1.84 -7.40
C ALA A 61 10.20 -0.65 -8.37
N ARG A 62 9.43 -0.60 -9.46
CA ARG A 62 9.45 0.57 -10.37
C ARG A 62 8.84 1.81 -9.66
N ARG A 63 7.80 1.64 -8.86
CA ARG A 63 7.24 2.80 -8.14
C ARG A 63 8.27 3.33 -7.17
N LEU A 64 9.00 2.45 -6.48
CA LEU A 64 10.04 2.87 -5.52
C LEU A 64 11.13 3.64 -6.26
N GLU A 65 11.54 3.15 -7.41
CA GLU A 65 12.57 3.86 -8.21
C GLU A 65 12.03 5.26 -8.61
N GLN A 66 10.78 5.38 -9.01
CA GLN A 66 10.14 6.69 -9.34
C GLN A 66 10.11 7.58 -8.09
N SER A 67 9.69 7.05 -6.95
CA SER A 67 9.61 7.86 -5.71
C SER A 67 11.01 8.41 -5.41
N MET A 68 12.02 7.55 -5.59
CA MET A 68 13.42 7.91 -5.32
C MET A 68 13.87 8.99 -6.30
N GLN A 69 13.53 8.83 -7.55
CA GLN A 69 13.82 9.88 -8.53
C GLN A 69 13.18 11.24 -8.16
N LEU A 70 11.93 11.27 -7.73
CA LEU A 70 11.22 12.54 -7.40
C LEU A 70 11.79 13.17 -6.12
N ILE A 71 12.26 12.37 -5.14
CA ILE A 71 13.00 12.84 -3.95
C ILE A 71 14.33 13.46 -4.42
N ARG A 72 14.89 12.96 -5.52
CA ARG A 72 16.19 13.28 -6.14
C ARG A 72 17.33 12.54 -5.46
N MET A 73 17.06 11.34 -4.95
CA MET A 73 18.14 10.51 -4.42
C MET A 73 19.08 10.10 -5.54
N PRO A 74 20.40 10.28 -5.37
CA PRO A 74 21.32 9.76 -6.37
C PRO A 74 21.12 8.30 -6.73
N LYS A 75 21.43 7.99 -7.97
CA LYS A 75 21.22 6.64 -8.45
C LYS A 75 22.22 5.69 -7.77
N GLU A 76 21.74 4.57 -7.24
CA GLU A 76 22.61 3.64 -6.47
C GLU A 76 22.09 2.20 -6.66
N PHE A 77 20.76 2.01 -6.70
CA PHE A 77 20.11 0.67 -6.80
C PHE A 77 19.34 0.57 -8.13
N THR A 78 18.98 -0.62 -8.56
CA THR A 78 18.16 -0.85 -9.75
C THR A 78 16.87 -1.53 -9.37
N VAL A 79 15.91 -1.46 -10.28
CA VAL A 79 14.64 -2.21 -10.21
C VAL A 79 14.94 -3.71 -10.08
N ASP A 80 15.80 -4.25 -10.90
CA ASP A 80 16.09 -5.70 -10.86
C ASP A 80 16.75 -6.06 -9.54
N GLU A 81 17.64 -5.22 -8.99
CA GLU A 81 18.29 -5.53 -7.71
C GLU A 81 17.25 -5.60 -6.57
N ILE A 82 16.30 -4.67 -6.53
CA ILE A 82 15.24 -4.60 -5.48
C ILE A 82 14.34 -5.82 -5.65
N CYS A 83 13.96 -6.20 -6.87
CA CYS A 83 13.16 -7.43 -7.09
C CYS A 83 13.94 -8.65 -6.58
N GLN A 84 15.22 -8.76 -6.93
CA GLN A 84 16.06 -9.94 -6.55
C GLN A 84 16.32 -10.02 -5.04
N ALA A 85 16.52 -8.88 -4.41
CA ALA A 85 16.77 -8.78 -2.98
C ALA A 85 15.52 -9.26 -2.25
N THR A 86 14.34 -8.91 -2.74
CA THR A 86 13.06 -9.33 -2.15
C THR A 86 12.92 -10.84 -2.19
N ILE A 87 13.14 -11.43 -3.37
CA ILE A 87 13.12 -12.91 -3.56
C ILE A 87 14.11 -13.52 -2.59
N ASP A 88 15.38 -13.03 -2.57
CA ASP A 88 16.45 -13.66 -1.81
C ASP A 88 16.12 -13.66 -0.33
N LEU A 89 15.58 -12.56 0.18
CA LEU A 89 15.30 -12.41 1.60
C LEU A 89 14.11 -13.29 1.97
N VAL A 90 13.08 -13.35 1.15
CA VAL A 90 11.95 -14.22 1.49
C VAL A 90 12.46 -15.68 1.58
N ARG A 91 13.29 -16.11 0.63
CA ARG A 91 13.87 -17.45 0.65
C ARG A 91 14.73 -17.65 1.91
N ALA A 92 15.69 -16.76 2.15
CA ALA A 92 16.70 -16.96 3.21
C ALA A 92 16.05 -16.90 4.58
N ASN A 93 14.96 -16.15 4.73
CA ASN A 93 14.29 -16.08 6.04
C ASN A 93 13.62 -17.41 6.38
N ASP A 94 13.23 -18.20 5.38
CA ASP A 94 12.74 -19.58 5.55
C ASP A 94 11.46 -19.54 6.35
N TYR A 95 10.67 -18.50 6.17
CA TYR A 95 9.37 -18.38 6.86
C TYR A 95 8.29 -18.71 5.85
N ARG A 96 7.54 -19.79 6.11
CA ARG A 96 6.55 -20.32 5.16
C ARG A 96 5.13 -19.87 5.55
N GLY A 97 4.80 -18.62 5.33
CA GLY A 97 3.53 -18.00 5.69
C GLY A 97 3.42 -16.69 4.99
N ASP A 98 2.26 -16.06 5.06
CA ASP A 98 2.06 -14.72 4.48
C ASP A 98 3.06 -13.74 5.11
N VAL A 99 3.65 -12.85 4.27
CA VAL A 99 4.63 -11.82 4.72
C VAL A 99 4.31 -10.47 4.10
N PHE A 100 4.83 -9.42 4.74
CA PHE A 100 5.01 -8.05 4.22
C PHE A 100 6.50 -7.87 4.02
N ILE A 101 6.87 -7.33 2.88
CA ILE A 101 8.23 -6.88 2.59
C ILE A 101 8.16 -5.36 2.48
N MET A 102 9.05 -4.68 3.15
CA MET A 102 9.14 -3.23 3.11
C MET A 102 10.55 -2.80 2.73
N PRO A 103 10.78 -2.40 1.47
CA PRO A 103 11.94 -1.58 1.12
C PRO A 103 11.73 -0.16 1.65
N LEU A 104 12.79 0.42 2.13
CA LEU A 104 12.84 1.83 2.62
C LEU A 104 14.15 2.40 2.14
N ALA A 105 14.05 3.43 1.35
CA ALA A 105 15.18 4.13 0.77
C ALA A 105 15.29 5.50 1.43
N TYR A 106 16.50 5.99 1.59
CA TYR A 106 16.78 7.22 2.37
C TYR A 106 18.08 7.77 1.80
N ALA A 107 18.21 9.09 1.81
CA ALA A 107 19.46 9.76 1.44
C ALA A 107 20.09 10.35 2.68
N VAL A 108 21.37 10.10 2.89
CA VAL A 108 22.14 10.51 4.09
C VAL A 108 23.16 11.58 3.71
N GLY A 109 23.18 12.67 4.48
CA GLY A 109 23.99 13.89 4.22
C GLY A 109 25.13 14.06 5.22
N ASN A 110 26.13 14.87 4.86
CA ASN A 110 27.27 15.28 5.73
C ASN A 110 26.74 16.27 6.79
N LYS A 111 25.76 17.10 6.42
CA LYS A 111 25.12 18.15 7.27
C LYS A 111 23.61 17.90 7.30
N ALA A 112 22.91 18.35 8.36
CA ALA A 112 21.45 18.17 8.63
C ALA A 112 20.58 18.63 7.44
N PHE A 113 20.95 19.76 6.79
CA PHE A 113 20.16 20.49 5.74
C PHE A 113 20.90 20.58 4.37
N SER A 114 21.88 19.72 4.11
CA SER A 114 22.49 19.51 2.76
C SER A 114 21.38 19.15 1.74
N VAL A 115 21.51 19.52 0.47
CA VAL A 115 20.44 19.21 -0.51
C VAL A 115 20.53 17.71 -0.85
N VAL A 116 19.36 17.12 -1.07
CA VAL A 116 19.20 15.64 -1.26
C VAL A 116 20.21 15.16 -2.32
N GLY A 117 20.34 15.88 -3.45
CA GLY A 117 21.22 15.49 -4.57
C GLY A 117 22.71 15.40 -4.19
N ASP A 118 23.15 15.97 -3.04
CA ASP A 118 24.57 15.91 -2.53
C ASP A 118 24.74 14.76 -1.50
N ARG A 119 23.66 14.06 -1.20
CA ARG A 119 23.66 13.00 -0.18
C ARG A 119 24.12 11.66 -0.79
N THR A 120 24.21 10.64 0.05
CA THR A 120 24.40 9.24 -0.38
C THR A 120 23.03 8.53 -0.27
N THR A 121 22.67 7.75 -1.28
CA THR A 121 21.47 6.90 -1.31
C THR A 121 21.73 5.57 -0.62
N GLU A 122 20.85 5.24 0.32
CA GLU A 122 20.89 3.93 1.01
C GLU A 122 19.50 3.32 1.01
N MET A 123 19.44 2.04 1.31
CA MET A 123 18.17 1.30 1.32
C MET A 123 18.33 0.05 2.18
N PHE A 124 17.28 -0.31 2.89
CA PHE A 124 17.13 -1.65 3.44
C PHE A 124 15.80 -2.19 3.00
N ILE A 125 15.72 -3.50 3.10
CA ILE A 125 14.52 -4.30 2.85
C ILE A 125 14.37 -5.29 3.99
N TYR A 126 13.21 -5.32 4.60
CA TYR A 126 12.93 -6.35 5.58
C TYR A 126 11.57 -6.92 5.32
N SER A 127 11.48 -8.18 5.71
CA SER A 127 10.32 -9.07 5.52
C SER A 127 9.87 -9.63 6.86
N ARG A 128 8.58 -9.56 7.17
CA ARG A 128 8.06 -10.05 8.47
C ARG A 128 6.75 -10.78 8.23
N PRO A 129 6.35 -11.72 9.12
CA PRO A 129 5.05 -12.38 9.02
C PRO A 129 3.93 -11.33 8.99
N ALA A 130 2.95 -11.56 8.12
CA ALA A 130 1.74 -10.73 8.00
C ALA A 130 0.48 -11.54 8.29
N VAL A 131 -0.61 -10.90 8.74
CA VAL A 131 -1.94 -11.57 8.88
C VAL A 131 -2.92 -11.13 7.77
N SER A 132 -3.27 -11.97 6.80
CA SER A 132 -4.33 -11.65 5.80
C SER A 132 -5.70 -11.65 6.50
N ARG A 133 -6.65 -10.81 6.03
CA ARG A 133 -8.08 -10.88 6.47
C ARG A 133 -8.97 -11.23 5.26
N LEU A 134 -8.38 -11.75 4.19
CA LEU A 134 -9.17 -12.02 2.95
C LEU A 134 -10.19 -13.18 3.15
N GLU A 135 -10.05 -13.99 4.21
CA GLU A 135 -11.03 -15.10 4.49
C GLU A 135 -12.01 -14.65 5.61
N GLU A 136 -12.00 -13.36 5.96
CA GLU A 136 -12.83 -12.81 7.05
C GLU A 136 -13.79 -11.76 6.47
N ASP A 137 -15.03 -11.76 6.98
CA ASP A 137 -16.00 -10.70 6.65
C ASP A 137 -16.00 -9.72 7.84
N PHE A 138 -15.45 -8.51 7.67
CA PHE A 138 -15.35 -7.43 8.70
C PHE A 138 -15.63 -6.09 7.99
N SER A 139 -15.87 -5.03 8.76
CA SER A 139 -16.11 -3.69 8.14
C SER A 139 -15.69 -2.58 9.10
N LEU A 140 -15.38 -1.40 8.56
CA LEU A 140 -14.93 -0.25 9.35
C LEU A 140 -15.99 0.84 9.22
N HIS A 141 -16.12 1.64 10.25
CA HIS A 141 -16.88 2.91 10.23
C HIS A 141 -15.90 4.06 10.00
N ALA A 142 -16.10 4.84 8.94
CA ALA A 142 -15.21 5.92 8.52
C ALA A 142 -15.86 7.27 8.83
N CYS A 143 -15.02 8.29 8.96
CA CYS A 143 -15.40 9.71 8.90
C CYS A 143 -14.59 10.38 7.81
N TYR A 144 -15.10 11.52 7.37
CA TYR A 144 -14.28 12.49 6.61
C TYR A 144 -13.58 13.38 7.63
N SER A 145 -12.29 13.61 7.47
CA SER A 145 -11.51 14.38 8.48
C SER A 145 -11.80 15.87 8.35
N SER A 146 -11.63 16.66 9.40
CA SER A 146 -11.53 18.12 9.32
C SER A 146 -10.15 18.60 8.85
N TRP A 147 -9.19 17.67 8.70
CA TRP A 147 -7.88 17.99 8.13
C TRP A 147 -7.88 17.67 6.64
N THR A 148 -7.22 18.54 5.86
CA THR A 148 -7.20 18.50 4.40
C THR A 148 -6.05 17.60 3.92
N ARG A 149 -6.22 16.92 2.79
CA ARG A 149 -5.14 16.09 2.23
C ARG A 149 -4.10 17.00 1.54
N ILE A 150 -2.83 16.68 1.72
CA ILE A 150 -1.68 17.26 0.95
C ILE A 150 -1.99 17.18 -0.54
N ASN A 151 -1.49 18.14 -1.30
CA ASN A 151 -1.68 18.16 -2.77
C ASN A 151 -0.32 18.37 -3.45
N GLU A 152 -0.30 18.44 -4.78
CA GLU A 152 0.98 18.60 -5.54
C GLU A 152 1.62 19.96 -5.21
N ARG A 153 0.81 20.92 -4.78
CA ARG A 153 1.35 22.26 -4.52
C ARG A 153 2.43 22.20 -3.42
N VAL A 154 2.23 21.35 -2.38
CA VAL A 154 3.03 21.35 -1.12
C VAL A 154 3.72 20.01 -0.88
N LEU A 155 3.09 18.86 -1.16
CA LEU A 155 3.73 17.53 -0.84
C LEU A 155 3.08 16.48 -1.75
N PRO A 156 3.61 16.28 -2.97
CA PRO A 156 2.90 15.43 -3.94
C PRO A 156 2.57 14.07 -3.34
N PRO A 157 1.29 13.75 -3.30
CA PRO A 157 0.86 12.42 -2.86
C PRO A 157 1.35 11.29 -3.76
N ARG A 158 1.78 11.56 -4.99
CA ARG A 158 2.32 10.49 -5.88
C ARG A 158 3.56 9.86 -5.22
N ILE A 159 4.33 10.64 -4.44
CA ILE A 159 5.63 10.18 -3.82
C ILE A 159 5.25 9.40 -2.58
N LYS A 160 5.64 8.15 -2.45
CA LYS A 160 5.23 7.34 -1.26
C LYS A 160 6.24 7.55 -0.13
N ALA A 161 6.18 8.74 0.44
CA ALA A 161 7.16 9.29 1.39
C ALA A 161 6.64 9.04 2.80
N LEU A 162 7.51 8.72 3.75
CA LEU A 162 7.15 8.66 5.17
C LEU A 162 6.51 10.00 5.59
N ALA A 163 7.06 11.12 5.17
CA ALA A 163 6.63 12.44 5.64
C ALA A 163 5.13 12.66 5.34
N ASN A 164 4.61 12.08 4.25
CA ASN A 164 3.19 12.22 3.82
C ASN A 164 2.30 11.65 4.91
N TYR A 165 2.81 10.71 5.71
CA TYR A 165 1.98 10.15 6.82
C TYR A 165 1.83 11.11 8.00
N ARG A 166 2.61 12.17 8.13
CA ARG A 166 2.32 13.16 9.17
C ARG A 166 0.90 13.72 8.90
N ASN A 167 0.60 14.06 7.62
CA ASN A 167 -0.77 14.54 7.24
C ASN A 167 -1.78 13.40 7.53
N SER A 168 -1.47 12.16 7.15
CA SER A 168 -2.32 10.99 7.46
C SER A 168 -2.65 11.00 8.97
N GLN A 169 -1.64 11.16 9.84
CA GLN A 169 -1.86 10.98 11.33
C GLN A 169 -2.81 12.06 11.86
N LEU A 170 -2.82 13.25 11.24
CA LEU A 170 -3.81 14.29 11.66
C LEU A 170 -5.23 13.67 11.56
N ALA A 171 -5.53 13.04 10.43
CA ALA A 171 -6.83 12.44 10.16
C ALA A 171 -7.06 11.19 11.04
N SER A 172 -6.12 10.28 11.11
CA SER A 172 -6.34 8.99 11.83
C SER A 172 -6.45 9.23 13.32
N SER A 173 -5.72 10.20 13.87
CA SER A 173 -5.91 10.64 15.28
C SER A 173 -7.34 11.15 15.49
N GLU A 174 -7.78 12.05 14.62
CA GLU A 174 -9.12 12.62 14.78
C GLU A 174 -10.15 11.49 14.73
N ALA A 175 -10.01 10.57 13.77
CA ALA A 175 -11.02 9.51 13.59
C ALA A 175 -11.14 8.69 14.89
N ALA A 176 -10.03 8.26 15.44
CA ALA A 176 -10.01 7.39 16.63
C ALA A 176 -10.58 8.14 17.83
N MET A 177 -10.22 9.40 18.06
CA MET A 177 -10.76 10.05 19.28
C MET A 177 -12.24 10.42 19.04
N ASN A 178 -12.72 10.46 17.79
CA ASN A 178 -14.15 10.77 17.52
C ASN A 178 -15.01 9.51 17.32
N GLY A 179 -14.54 8.31 17.62
CA GLY A 179 -15.39 7.08 17.70
C GLY A 179 -15.43 6.31 16.38
N TYR A 180 -14.53 6.59 15.43
CA TYR A 180 -14.53 5.97 14.11
C TYR A 180 -13.34 5.03 14.05
N ASP A 181 -13.36 4.11 13.08
CA ASP A 181 -12.27 3.15 12.83
C ASP A 181 -11.26 3.75 11.87
N THR A 182 -11.63 4.74 11.03
CA THR A 182 -10.70 5.11 9.91
C THR A 182 -11.14 6.45 9.35
N ALA A 183 -10.20 7.20 8.75
CA ALA A 183 -10.55 8.51 8.17
C ALA A 183 -10.45 8.48 6.64
N LEU A 184 -11.36 9.20 5.99
CA LEU A 184 -11.23 9.58 4.57
C LEU A 184 -10.89 11.05 4.50
N PHE A 185 -10.25 11.46 3.40
CA PHE A 185 -9.80 12.82 3.20
C PHE A 185 -10.57 13.48 2.06
N LEU A 186 -10.76 14.76 2.22
CA LEU A 186 -11.06 15.70 1.12
C LEU A 186 -9.80 16.44 0.70
N ASN A 187 -9.73 16.81 -0.60
CA ASN A 187 -8.55 17.54 -1.11
C ASN A 187 -8.80 19.01 -0.85
N PRO A 188 -7.82 19.89 -1.13
CA PRO A 188 -8.01 21.34 -0.87
C PRO A 188 -9.22 22.00 -1.55
N GLU A 189 -9.60 21.50 -2.75
CA GLU A 189 -10.80 21.98 -3.46
C GLU A 189 -12.07 21.37 -2.82
N GLY A 190 -11.97 20.43 -1.88
CA GLY A 190 -13.18 19.89 -1.22
C GLY A 190 -13.65 18.58 -1.84
N LYS A 191 -12.88 17.97 -2.76
CA LYS A 191 -13.34 16.73 -3.48
C LYS A 191 -12.75 15.51 -2.74
N VAL A 192 -13.36 14.32 -2.86
CA VAL A 192 -12.91 13.11 -2.12
C VAL A 192 -11.57 12.67 -2.71
N ALA A 193 -10.61 12.43 -1.86
CA ALA A 193 -9.25 12.03 -2.28
C ALA A 193 -9.02 10.52 -1.98
N GLU A 194 -8.57 10.20 -0.78
CA GLU A 194 -8.22 8.79 -0.48
C GLU A 194 -8.40 8.59 1.02
N GLY A 195 -8.18 7.37 1.51
CA GLY A 195 -7.96 7.14 2.94
C GLY A 195 -6.58 7.61 3.42
N THR A 196 -6.31 7.38 4.70
CA THR A 196 -5.05 7.76 5.35
C THR A 196 -3.91 6.88 4.80
N GLY A 197 -4.21 5.64 4.40
CA GLY A 197 -3.16 4.74 3.91
C GLY A 197 -3.63 3.90 2.72
N SER A 198 -4.77 4.20 2.07
CA SER A 198 -5.22 3.30 0.99
C SER A 198 -6.20 4.10 0.12
N CYS A 199 -6.50 3.57 -1.06
CA CYS A 199 -7.49 4.25 -1.93
CA CYS A 199 -7.49 4.00 -2.09
C CYS A 199 -8.90 3.77 -1.54
N VAL A 200 -9.87 4.56 -1.94
CA VAL A 200 -11.27 4.27 -1.63
C VAL A 200 -12.03 4.03 -2.94
N PHE A 201 -12.87 3.03 -2.87
CA PHE A 201 -13.87 2.72 -3.91
C PHE A 201 -15.28 2.90 -3.35
N PHE A 202 -16.21 3.24 -4.27
CA PHE A 202 -17.65 3.26 -3.97
C PHE A 202 -18.35 2.40 -5.02
N VAL A 203 -19.45 1.79 -4.59
CA VAL A 203 -20.40 1.07 -5.48
C VAL A 203 -21.74 1.77 -5.41
N ARG A 204 -22.30 2.17 -6.54
CA ARG A 204 -23.65 2.76 -6.60
C ARG A 204 -24.31 2.35 -7.92
N LYS A 205 -25.51 1.76 -7.84
CA LYS A 205 -26.34 1.36 -9.02
C LYS A 205 -25.52 0.38 -9.87
N GLY A 206 -24.86 -0.61 -9.26
CA GLY A 206 -24.06 -1.63 -9.98
C GLY A 206 -22.76 -1.14 -10.63
N LYS A 207 -22.35 0.12 -10.45
CA LYS A 207 -21.11 0.73 -11.02
C LYS A 207 -20.07 0.89 -9.90
N LEU A 208 -18.78 0.78 -10.22
CA LEU A 208 -17.70 1.10 -9.28
C LEU A 208 -17.26 2.51 -9.61
N ILE A 209 -17.01 3.29 -8.59
CA ILE A 209 -16.56 4.70 -8.71
C ILE A 209 -15.34 4.90 -7.80
N THR A 210 -14.31 5.59 -8.30
CA THR A 210 -13.11 5.83 -7.46
C THR A 210 -12.54 7.17 -7.88
N PRO A 211 -12.03 7.96 -6.96
CA PRO A 211 -11.38 9.21 -7.34
C PRO A 211 -10.27 9.01 -8.41
N ASP A 212 -10.23 9.89 -9.42
CA ASP A 212 -9.17 9.89 -10.46
C ASP A 212 -7.87 10.27 -9.78
N ILE A 213 -6.79 9.88 -10.37
CA ILE A 213 -5.47 10.05 -9.73
C ILE A 213 -5.17 11.54 -9.49
N THR A 214 -5.60 12.45 -10.37
CA THR A 214 -5.31 13.92 -10.19
C THR A 214 -6.25 14.52 -9.11
N SER A 215 -7.07 13.70 -8.42
CA SER A 215 -7.81 14.15 -7.19
C SER A 215 -6.84 14.31 -6.01
N GLY A 216 -5.60 13.86 -6.21
CA GLY A 216 -4.46 13.99 -5.29
C GLY A 216 -4.34 12.80 -4.35
N ILE A 217 -3.98 11.68 -4.95
CA ILE A 217 -3.94 10.38 -4.29
C ILE A 217 -2.66 9.67 -4.75
N LEU A 218 -2.25 8.68 -3.99
CA LEU A 218 -1.14 7.81 -4.41
C LEU A 218 -1.69 6.89 -5.51
N GLU A 219 -0.93 6.70 -6.57
CA GLU A 219 -1.25 5.75 -7.66
C GLU A 219 -1.05 4.26 -7.21
N SER A 220 -2.01 3.81 -6.43
CA SER A 220 -2.03 2.49 -5.77
C SER A 220 -1.96 1.36 -6.82
N ILE A 221 -1.14 0.35 -6.56
CA ILE A 221 -1.12 -0.93 -7.29
C ILE A 221 -2.36 -1.77 -6.96
N THR A 222 -2.85 -1.75 -5.73
CA THR A 222 -4.12 -2.44 -5.37
C THR A 222 -5.28 -1.79 -6.13
N ARG A 223 -5.33 -0.47 -6.17
CA ARG A 223 -6.37 0.28 -6.95
C ARG A 223 -6.37 -0.21 -8.38
N ASP A 224 -5.21 -0.32 -9.00
CA ASP A 224 -5.07 -0.74 -10.41
C ASP A 224 -5.58 -2.16 -10.53
N THR A 225 -5.16 -3.01 -9.60
CA THR A 225 -5.57 -4.43 -9.60
C THR A 225 -7.09 -4.54 -9.52
N VAL A 226 -7.71 -3.79 -8.63
CA VAL A 226 -9.20 -3.82 -8.45
C VAL A 226 -9.91 -3.33 -9.72
N ILE A 227 -9.44 -2.30 -10.38
CA ILE A 227 -10.13 -1.77 -11.60
C ILE A 227 -10.03 -2.87 -12.67
N HIS A 228 -8.86 -3.49 -12.85
CA HIS A 228 -8.65 -4.60 -13.83
C HIS A 228 -9.60 -5.74 -13.55
N LEU A 229 -9.64 -6.21 -12.32
CA LEU A 229 -10.47 -7.38 -11.96
C LEU A 229 -11.95 -6.99 -12.10
N ALA A 230 -12.35 -5.78 -11.69
CA ALA A 230 -13.77 -5.38 -11.81
C ALA A 230 -14.16 -5.38 -13.28
N ARG A 231 -13.35 -4.81 -14.17
CA ARG A 231 -13.70 -4.71 -15.61
C ARG A 231 -13.62 -6.09 -16.25
N GLU A 232 -12.51 -6.81 -16.07
CA GLU A 232 -12.16 -8.02 -16.87
C GLU A 232 -12.88 -9.26 -16.33
N VAL A 233 -12.97 -9.45 -15.01
CA VAL A 233 -13.63 -10.68 -14.47
C VAL A 233 -15.12 -10.40 -14.25
N LEU A 234 -15.50 -9.26 -13.68
CA LEU A 234 -16.94 -9.03 -13.39
C LEU A 234 -17.65 -8.27 -14.52
N GLY A 235 -16.96 -7.67 -15.47
CA GLY A 235 -17.63 -6.89 -16.54
C GLY A 235 -18.30 -5.63 -15.99
N LEU A 236 -17.83 -5.06 -14.87
CA LEU A 236 -18.45 -3.87 -14.26
C LEU A 236 -17.97 -2.61 -14.99
N GLU A 237 -18.80 -1.59 -15.02
CA GLU A 237 -18.37 -0.21 -15.36
C GLU A 237 -17.56 0.32 -14.16
N VAL A 238 -16.41 0.91 -14.40
CA VAL A 238 -15.59 1.57 -13.36
C VAL A 238 -15.35 2.99 -13.80
N GLU A 239 -15.78 3.96 -12.99
CA GLU A 239 -15.48 5.38 -13.27
C GLU A 239 -14.40 5.90 -12.33
N GLU A 240 -13.36 6.42 -12.95
CA GLU A 240 -12.27 7.18 -12.31
C GLU A 240 -12.62 8.63 -12.60
N ARG A 241 -13.03 9.37 -11.59
CA ARG A 241 -13.52 10.74 -11.83
C ARG A 241 -13.36 11.56 -10.56
N VAL A 242 -13.70 12.85 -10.68
CA VAL A 242 -13.84 13.69 -9.47
C VAL A 242 -15.07 13.17 -8.77
N VAL A 243 -14.95 13.00 -7.46
CA VAL A 243 -16.04 12.47 -6.59
C VAL A 243 -16.34 13.52 -5.50
N ASP A 244 -17.61 13.81 -5.28
CA ASP A 244 -18.07 14.79 -4.25
C ASP A 244 -18.33 14.01 -2.94
N ARG A 245 -18.18 14.68 -1.81
CA ARG A 245 -18.45 14.13 -0.45
C ARG A 245 -19.86 13.57 -0.29
N THR A 246 -20.94 14.34 -0.58
CA THR A 246 -22.30 13.89 -0.16
C THR A 246 -22.75 12.69 -0.99
N GLU A 247 -22.29 12.60 -2.24
CA GLU A 247 -22.63 11.42 -3.06
C GLU A 247 -22.12 10.14 -2.43
N THR A 248 -21.00 10.17 -1.72
CA THR A 248 -20.40 8.98 -1.09
C THR A 248 -21.30 8.47 0.03
N TYR A 249 -22.01 9.35 0.70
CA TYR A 249 -22.93 8.99 1.81
C TYR A 249 -24.08 8.12 1.29
N LEU A 250 -24.40 8.24 0.00
CA LEU A 250 -25.49 7.47 -0.66
C LEU A 250 -24.94 6.22 -1.37
N ALA A 251 -23.64 5.91 -1.24
CA ALA A 251 -23.02 4.70 -1.85
C ALA A 251 -23.74 3.44 -1.37
N ASP A 252 -24.05 2.50 -2.26
CA ASP A 252 -24.55 1.16 -1.89
C ASP A 252 -23.49 0.39 -1.10
N GLU A 253 -22.25 0.48 -1.53
CA GLU A 253 -21.12 -0.18 -0.81
C GLU A 253 -19.92 0.75 -0.86
N ALA A 254 -18.94 0.48 -0.05
CA ALA A 254 -17.66 1.20 -0.16
C ALA A 254 -16.57 0.33 0.44
N PHE A 255 -15.35 0.52 -0.03
CA PHE A 255 -14.21 -0.24 0.56
C PHE A 255 -12.92 0.53 0.36
N LEU A 256 -12.00 0.28 1.29
CA LEU A 256 -10.59 0.74 1.17
C LEU A 256 -9.78 -0.35 0.48
N CYS A 257 -8.77 0.02 -0.30
CA CYS A 257 -7.88 -1.03 -0.87
C CYS A 257 -6.44 -0.53 -0.96
N GLY A 258 -5.54 -1.47 -0.77
CA GLY A 258 -4.12 -1.16 -0.53
C GLY A 258 -3.38 -2.47 -0.27
N THR A 259 -2.07 -2.49 -0.47
CA THR A 259 -1.31 -3.73 -0.18
C THR A 259 -1.60 -4.15 1.28
N HIS A 260 -1.46 -3.25 2.24
CA HIS A 260 -1.70 -3.56 3.67
C HIS A 260 -3.22 -3.77 3.95
N ALA A 261 -4.10 -2.96 3.39
CA ALA A 261 -5.55 -3.00 3.66
C ALA A 261 -6.23 -4.12 2.85
N GLU A 262 -5.48 -4.75 1.94
CA GLU A 262 -6.10 -5.77 1.06
C GLU A 262 -7.42 -5.11 0.54
N ILE A 263 -8.57 -5.70 0.85
CA ILE A 263 -9.91 -5.14 0.47
C ILE A 263 -10.65 -4.99 1.81
N THR A 264 -10.84 -3.77 2.32
CA THR A 264 -11.41 -3.54 3.66
C THR A 264 -12.77 -2.85 3.53
N PRO A 265 -13.91 -3.55 3.75
CA PRO A 265 -15.23 -2.95 3.63
C PRO A 265 -15.50 -1.76 4.56
N ILE A 266 -16.24 -0.75 4.04
CA ILE A 266 -16.74 0.41 4.83
C ILE A 266 -18.26 0.26 5.01
N ALA A 267 -18.68 0.13 6.24
CA ALA A 267 -20.09 -0.04 6.69
C ALA A 267 -20.81 1.33 6.69
N SER A 268 -20.09 2.39 7.02
CA SER A 268 -20.68 3.75 7.12
C SER A 268 -19.62 4.84 6.96
N ILE A 269 -20.07 6.00 6.53
CA ILE A 269 -19.24 7.23 6.37
C ILE A 269 -19.96 8.41 7.03
N ASP A 270 -19.38 8.98 8.08
CA ASP A 270 -20.00 10.06 8.88
C ASP A 270 -21.41 9.62 9.28
N ARG A 271 -21.53 8.38 9.69
CA ARG A 271 -22.78 7.79 10.20
C ARG A 271 -23.91 7.74 9.14
N HIS A 272 -23.58 7.71 7.86
CA HIS A 272 -24.47 7.31 6.75
C HIS A 272 -24.08 5.88 6.39
N GLU A 273 -25.00 4.96 6.55
CA GLU A 273 -24.74 3.52 6.33
C GLU A 273 -24.81 3.13 4.84
N MET A 274 -23.83 2.38 4.36
CA MET A 274 -23.81 1.81 3.00
C MET A 274 -25.02 0.83 2.90
N LYS A 275 -25.96 1.13 2.00
CA LYS A 275 -27.32 0.51 1.90
C LYS A 275 -27.22 -1.01 1.72
N HIS A 276 -26.22 -1.51 0.99
CA HIS A 276 -26.16 -2.96 0.64
C HIS A 276 -25.23 -3.69 1.58
N GLY A 277 -24.79 -3.08 2.67
CA GLY A 277 -23.99 -3.74 3.73
C GLY A 277 -22.50 -3.67 3.44
N ALA A 278 -21.73 -4.44 4.17
CA ALA A 278 -20.26 -4.32 4.26
C ALA A 278 -19.72 -5.61 4.86
N PRO A 279 -19.10 -6.51 4.06
CA PRO A 279 -18.93 -6.33 2.62
C PRO A 279 -20.22 -6.51 1.84
N GLY A 280 -20.49 -5.60 0.91
CA GLY A 280 -21.66 -5.69 0.04
C GLY A 280 -21.42 -6.76 -1.01
N PRO A 281 -22.43 -7.04 -1.85
CA PRO A 281 -22.29 -8.13 -2.83
C PRO A 281 -21.11 -7.93 -3.81
N ILE A 282 -20.96 -6.74 -4.38
CA ILE A 282 -19.89 -6.52 -5.37
C ILE A 282 -18.54 -6.54 -4.66
N THR A 283 -18.45 -5.93 -3.49
CA THR A 283 -17.23 -5.92 -2.62
C THR A 283 -16.84 -7.38 -2.36
N ARG A 284 -17.79 -8.20 -2.01
CA ARG A 284 -17.49 -9.60 -1.60
C ARG A 284 -16.94 -10.37 -2.81
N GLN A 285 -17.47 -10.11 -4.01
CA GLN A 285 -17.01 -10.77 -5.26
C GLN A 285 -15.56 -10.32 -5.52
N LEU A 286 -15.26 -9.03 -5.32
CA LEU A 286 -13.91 -8.53 -5.66
C LEU A 286 -12.92 -9.07 -4.63
N ARG A 287 -13.36 -9.20 -3.39
CA ARG A 287 -12.48 -9.71 -2.33
C ARG A 287 -12.11 -11.16 -2.64
N ASP A 288 -13.09 -11.98 -2.98
CA ASP A 288 -12.89 -13.42 -3.31
C ASP A 288 -11.99 -13.53 -4.56
N ILE A 289 -12.22 -12.69 -5.58
CA ILE A 289 -11.41 -12.77 -6.83
C ILE A 289 -9.98 -12.42 -6.47
N TYR A 290 -9.79 -11.33 -5.70
CA TYR A 290 -8.46 -10.83 -5.33
C TYR A 290 -7.66 -11.94 -4.62
N ARG A 291 -8.30 -12.54 -3.63
CA ARG A 291 -7.70 -13.63 -2.83
C ARG A 291 -7.22 -14.74 -3.76
N GLU A 292 -8.09 -15.21 -4.66
CA GLU A 292 -7.74 -16.38 -5.47
C GLU A 292 -6.55 -15.97 -6.36
N VAL A 293 -6.49 -14.72 -6.81
CA VAL A 293 -5.38 -14.22 -7.64
C VAL A 293 -4.09 -14.30 -6.81
N VAL A 294 -4.04 -13.66 -5.63
CA VAL A 294 -2.74 -13.46 -4.93
C VAL A 294 -2.20 -14.79 -4.36
N TYR A 295 -3.05 -15.75 -4.06
CA TYR A 295 -2.63 -17.08 -3.55
C TYR A 295 -2.30 -18.05 -4.70
N GLY A 296 -2.27 -17.58 -5.94
CA GLY A 296 -1.84 -18.35 -7.10
C GLY A 296 -2.87 -19.37 -7.56
N ARG A 297 -4.17 -19.12 -7.41
CA ARG A 297 -5.19 -20.12 -7.80
C ARG A 297 -6.01 -19.49 -8.92
N ASP A 298 -5.49 -18.47 -9.63
CA ASP A 298 -6.20 -17.90 -10.80
C ASP A 298 -5.17 -17.69 -11.91
N PHE A 299 -5.16 -18.63 -12.86
CA PHE A 299 -4.09 -18.80 -13.86
C PHE A 299 -4.12 -17.57 -14.76
N ARG A 300 -5.29 -16.96 -14.89
CA ARG A 300 -5.49 -15.78 -15.74
C ARG A 300 -4.57 -14.66 -15.28
N TYR A 301 -4.19 -14.59 -14.00
CA TYR A 301 -3.47 -13.39 -13.50
C TYR A 301 -2.05 -13.80 -13.05
N ARG A 302 -1.57 -14.92 -13.55
CA ARG A 302 -0.24 -15.48 -13.16
C ARG A 302 0.90 -14.48 -13.42
N ASN A 303 0.77 -13.63 -14.43
CA ASN A 303 1.88 -12.70 -14.76
C ASN A 303 2.04 -11.64 -13.66
N TRP A 304 1.07 -11.45 -12.76
CA TRP A 304 1.21 -10.55 -11.58
C TRP A 304 2.02 -11.20 -10.45
N LEU A 305 2.35 -12.48 -10.53
CA LEU A 305 2.93 -13.23 -9.35
C LEU A 305 4.40 -13.56 -9.62
N THR A 306 5.24 -13.42 -8.63
CA THR A 306 6.64 -13.92 -8.67
C THR A 306 6.71 -15.08 -7.69
N PRO A 307 6.79 -16.34 -8.15
CA PRO A 307 6.91 -17.47 -7.25
C PRO A 307 8.31 -17.56 -6.63
N VAL A 308 8.39 -17.95 -5.38
CA VAL A 308 9.64 -18.30 -4.68
C VAL A 308 9.43 -19.67 -4.10
N GLY A 309 10.06 -20.66 -4.72
CA GLY A 309 9.87 -22.06 -4.27
C GLY A 309 10.68 -22.28 -3.01
N MET A 310 10.05 -22.78 -1.98
CA MET A 310 10.68 -22.99 -0.67
C MET A 310 10.48 -24.42 -0.12
N GLY A 311 9.63 -25.33 -0.68
CA GLY A 311 9.25 -26.62 -0.01
C GLY A 311 7.93 -26.58 0.79
N VAL A 312 7.12 -27.61 0.57
CA VAL A 312 5.64 -27.68 0.76
C VAL A 312 5.30 -28.12 2.20
N ARG A 313 5.71 -27.33 3.22
CA ARG A 313 5.30 -27.55 4.65
C ARG A 313 5.61 -26.29 5.47
N1 PLP B . -2.68 5.54 -0.23
C2 PLP B . -1.52 5.96 0.35
C2A PLP B . -1.48 7.29 1.02
C3 PLP B . -0.41 5.10 0.40
O3 PLP B . 0.77 5.49 1.05
C4 PLP B . -0.50 3.82 -0.20
C4A PLP B . 0.72 2.97 -0.22
C5 PLP B . -1.72 3.42 -0.82
C6 PLP B . -2.76 4.32 -0.82
C5A PLP B . -1.89 2.07 -1.47
O4P PLP B . -0.94 1.72 -2.54
P PLP B . -0.75 0.10 -3.06
O1P PLP B . -0.22 -0.54 -1.71
O2P PLP B . -2.18 -0.39 -3.40
O3P PLP B . 0.29 0.25 -4.15
CL CL C . 16.59 -16.55 -7.62
CL CL D . -8.51 -1.72 -16.76
C1 GOL E . 26.98 -4.41 13.15
O1 GOL E . 26.91 -4.94 14.47
C2 GOL E . 26.91 -2.89 13.13
O2 GOL E . 26.07 -2.40 12.06
C3 GOL E . 28.31 -2.30 13.10
O3 GOL E . 28.30 -0.89 13.31
NA NA F . 23.73 -7.93 -3.32
NA NA G . 4.24 -15.12 -12.88
NA NA H . -27.39 8.00 9.83
CL CL I . 20.78 11.58 8.95
#